data_1E73
#
_entry.id   1E73
#
_cell.length_a   135.300
_cell.length_b   137.200
_cell.length_c   80.600
_cell.angle_alpha   90.00
_cell.angle_beta   90.00
_cell.angle_gamma   90.00
#
_symmetry.space_group_name_H-M   'C 2 2 21'
#
loop_
_entity.id
_entity.type
_entity.pdbx_description
1 polymer 'MYROSINASE MA1'
2 branched 2-acetamido-2-deoxy-beta-D-glucopyranose-(1-4)-2-acetamido-2-deoxy-beta-D-glucopyranose
3 branched beta-D-xylopyranose-(1-2)-beta-D-mannopyranose-(1-4)-2-acetamido-2-deoxy-beta-D-glucopyranose-(1-4)-[alpha-L-fucopyranose-(1-3)]2-acetamido-2-deoxy-beta-D-glucopyranose
4 branched beta-D-xylopyranose-(1-2)-[alpha-D-mannopyranose-(1-3)][alpha-D-mannopyranose-(1-6)]beta-D-mannopyranose-(1-4)-2-acetamido-2-deoxy-beta-D-glucopyranose-(1-4)-[alpha-L-fucopyranose-(1-3)]2-acetamido-2-deoxy-beta-D-glucopyranose
5 non-polymer 2-acetamido-2-deoxy-beta-D-glucopyranose
6 non-polymer 'ASCORBIC ACID'
7 non-polymer 2-deoxy-2-fluoro-alpha-D-glucopyranose
8 non-polymer 'SULFATE ION'
9 non-polymer GLYCEROL
10 non-polymer 'ZINC ION'
11 water water
#
_entity_poly.entity_id   1
_entity_poly.type   'polypeptide(L)'
_entity_poly.pdbx_seq_one_letter_code
;DEEITCQENLPFTCGNTDALNSSSFSSDFIFGVASSAYQIEGTIGRGLNIWDGFTHRYPNKSGPDHGNGDTTCDSFSYWQ
KDIDVLDELNATGYRFSIAWSRIIPRGKRSRGVNEKGIDYYHGLISGLIKKGITPFVTLFHWDLPQTLQDEYEGFLDPQI
IDDFKDYADLCFEEFGDSVKYWLTINQLYSVPTRGYGSALDAPGRCSPTVDPSCYAGNSSTEPYIVAHHQLLAHAKVVDL
YRKNYTHQGGKIGPTMITRWFLPYNDTDRHSIAATERMKEFFLGWFMGPLTNGTYPQIMIDTVGERLPSFSPEESNLVKG
SYDFLGLNYYFTQYAQPSPNPVNSTNHTAMMDAGAKLTYINASGHYIGPLFEKDKADSTDNIYYYPKGIYSVMDYFKNKY
YNPLIYVTENGISTPGDENRNQSMLDYTRIDYLCSHLCFLNKVIKEKDVNVKGYLAWALGDNYEFNKGFTVRFGLSYIDW
NNVTDRDLKKSGQWYQSFISP
;
_entity_poly.pdbx_strand_id   M
#
# COMPACT_ATOMS: atom_id res chain seq x y z
N GLU A 3 -31.12 9.08 2.28
CA GLU A 3 -30.00 9.73 1.57
C GLU A 3 -28.85 10.01 2.53
N ILE A 4 -27.66 9.69 2.09
CA ILE A 4 -26.45 9.90 2.90
C ILE A 4 -25.73 11.17 2.48
N THR A 5 -25.38 11.96 3.48
CA THR A 5 -24.65 13.19 3.23
C THR A 5 -23.34 13.06 3.98
N CYS A 6 -22.24 13.32 3.33
CA CYS A 6 -20.93 13.25 3.93
C CYS A 6 -20.22 14.61 3.78
N GLN A 7 -19.44 14.94 4.77
CA GLN A 7 -18.67 16.19 4.79
C GLN A 7 -17.36 16.05 4.04
N GLU A 8 -16.95 17.16 3.41
CA GLU A 8 -15.70 17.21 2.71
C GLU A 8 -14.70 18.14 3.38
N ASN A 9 -15.23 19.04 4.23
CA ASN A 9 -14.36 20.05 4.83
C ASN A 9 -14.48 20.08 6.36
N LEU A 10 -13.45 20.53 7.06
CA LEU A 10 -13.56 20.72 8.50
C LEU A 10 -14.62 21.77 8.76
N PRO A 11 -15.32 21.62 9.89
CA PRO A 11 -15.21 20.54 10.85
C PRO A 11 -16.06 19.36 10.43
N PHE A 12 -15.63 18.18 10.90
CA PHE A 12 -16.34 16.96 10.63
C PHE A 12 -17.16 16.60 11.89
N THR A 13 -18.27 15.90 11.64
CA THR A 13 -19.10 15.47 12.75
C THR A 13 -19.35 13.98 12.71
N CYS A 14 -18.60 13.26 11.89
CA CYS A 14 -18.77 11.82 11.72
C CYS A 14 -18.12 11.01 12.81
N GLY A 15 -17.51 11.63 13.83
CA GLY A 15 -16.88 10.87 14.89
C GLY A 15 -17.93 10.45 15.93
N ASN A 16 -19.19 10.85 15.78
CA ASN A 16 -20.28 10.48 16.65
C ASN A 16 -20.86 9.19 16.12
N THR A 17 -20.63 8.15 16.94
CA THR A 17 -21.04 6.80 16.56
C THR A 17 -22.55 6.58 16.59
N ASP A 18 -23.31 7.58 17.03
CA ASP A 18 -24.74 7.60 16.88
C ASP A 18 -25.08 7.80 15.39
N ALA A 19 -24.26 8.49 14.61
CA ALA A 19 -24.57 8.78 13.24
C ALA A 19 -23.81 7.89 12.25
N LEU A 20 -22.70 7.30 12.67
CA LEU A 20 -21.89 6.53 11.74
C LEU A 20 -21.23 5.40 12.56
N ASN A 21 -21.57 4.14 12.21
CA ASN A 21 -20.94 3.04 12.92
C ASN A 21 -20.93 1.82 12.03
N SER A 22 -20.41 0.70 12.54
CA SER A 22 -20.33 -0.50 11.71
C SER A 22 -21.69 -1.01 11.27
N SER A 23 -22.76 -0.75 12.01
CA SER A 23 -24.10 -1.14 11.62
C SER A 23 -24.64 -0.37 10.42
N SER A 24 -23.97 0.71 10.04
CA SER A 24 -24.29 1.47 8.85
C SER A 24 -23.98 0.63 7.61
N PHE A 25 -23.04 -0.30 7.73
CA PHE A 25 -22.56 -1.17 6.67
C PHE A 25 -23.23 -2.53 6.70
N SER A 26 -23.07 -3.37 5.68
CA SER A 26 -23.69 -4.69 5.64
C SER A 26 -23.18 -5.51 6.82
N SER A 27 -23.96 -6.48 7.31
CA SER A 27 -23.55 -7.24 8.47
C SER A 27 -22.30 -8.06 8.26
N ASP A 28 -21.93 -8.49 7.09
CA ASP A 28 -20.71 -9.28 6.92
C ASP A 28 -19.46 -8.43 6.67
N PHE A 29 -19.59 -7.12 6.68
CA PHE A 29 -18.46 -6.25 6.34
C PHE A 29 -17.35 -6.41 7.35
N ILE A 30 -16.10 -6.52 6.94
CA ILE A 30 -14.97 -6.68 7.81
C ILE A 30 -14.32 -5.31 8.14
N PHE A 31 -14.07 -5.15 9.43
CA PHE A 31 -13.38 -3.96 9.90
C PHE A 31 -12.10 -4.36 10.62
N GLY A 32 -10.98 -3.70 10.34
CA GLY A 32 -9.78 -3.97 11.13
C GLY A 32 -8.75 -2.90 10.81
N VAL A 33 -7.49 -3.38 10.99
CA VAL A 33 -6.31 -2.53 10.81
C VAL A 33 -5.25 -3.34 10.07
N ALA A 34 -4.18 -2.67 9.67
CA ALA A 34 -3.14 -3.25 8.84
C ALA A 34 -1.77 -2.87 9.37
N SER A 35 -0.81 -3.69 8.92
CA SER A 35 0.59 -3.50 9.22
C SER A 35 1.44 -4.10 8.10
N SER A 36 2.76 -3.93 8.23
CA SER A 36 3.67 -4.69 7.32
C SER A 36 4.89 -5.16 8.12
N ALA A 37 5.53 -6.22 7.66
CA ALA A 37 6.59 -6.89 8.40
C ALA A 37 7.82 -6.05 8.61
N TYR A 38 8.34 -5.35 7.62
CA TYR A 38 9.54 -4.56 7.83
C TYR A 38 9.25 -3.50 8.90
N GLN A 39 8.04 -2.96 8.88
CA GLN A 39 7.71 -1.84 9.71
C GLN A 39 7.49 -2.21 11.17
N ILE A 40 7.12 -3.48 11.44
CA ILE A 40 6.81 -3.83 12.81
C ILE A 40 7.62 -4.92 13.45
N GLU A 41 8.32 -5.82 12.74
CA GLU A 41 8.82 -7.00 13.40
C GLU A 41 10.18 -6.82 14.07
N GLY A 42 11.09 -6.15 13.42
CA GLY A 42 12.47 -6.12 13.75
C GLY A 42 13.20 -7.21 12.95
N THR A 43 14.52 -7.11 12.95
CA THR A 43 15.37 -8.02 12.24
C THR A 43 15.69 -9.33 12.94
N ILE A 44 15.42 -9.40 14.22
CA ILE A 44 15.67 -10.63 14.97
C ILE A 44 14.99 -11.82 14.33
N GLY A 45 15.75 -12.89 14.10
CA GLY A 45 15.20 -14.11 13.56
C GLY A 45 14.98 -14.16 12.04
N ARG A 46 15.46 -13.14 11.34
CA ARG A 46 15.26 -13.19 9.89
C ARG A 46 16.57 -12.82 9.17
N GLY A 47 16.60 -13.12 7.88
CA GLY A 47 17.71 -12.65 7.04
C GLY A 47 17.50 -11.16 6.72
N LEU A 48 18.43 -10.66 5.89
CA LEU A 48 18.39 -9.26 5.50
C LEU A 48 17.70 -9.06 4.17
N ASN A 49 16.99 -7.94 4.09
CA ASN A 49 16.26 -7.59 2.87
C ASN A 49 16.66 -6.21 2.36
N ILE A 50 16.09 -5.80 1.22
CA ILE A 50 16.56 -4.55 0.62
C ILE A 50 16.12 -3.30 1.39
N TRP A 51 15.15 -3.41 2.31
CA TRP A 51 14.84 -2.28 3.16
C TRP A 51 15.89 -2.17 4.26
N ASP A 52 16.45 -3.30 4.76
CA ASP A 52 17.60 -3.19 5.65
C ASP A 52 18.75 -2.62 4.80
N GLY A 53 18.94 -3.12 3.57
CA GLY A 53 20.09 -2.66 2.77
C GLY A 53 20.02 -1.17 2.49
N PHE A 54 18.85 -0.73 2.04
CA PHE A 54 18.70 0.68 1.63
C PHE A 54 18.81 1.62 2.81
N THR A 55 18.13 1.27 3.92
CA THR A 55 18.15 2.17 5.06
C THR A 55 19.55 2.25 5.67
N HIS A 56 20.37 1.23 5.52
CA HIS A 56 21.71 1.25 6.10
C HIS A 56 22.71 1.89 5.12
N ARG A 57 22.51 1.69 3.82
CA ARG A 57 23.47 2.25 2.85
C ARG A 57 23.21 3.73 2.64
N TYR A 58 21.95 4.12 2.72
CA TYR A 58 21.49 5.49 2.44
C TYR A 58 20.67 5.96 3.63
N PRO A 59 21.33 6.23 4.77
CA PRO A 59 20.58 6.54 5.97
C PRO A 59 19.73 7.79 5.91
N ASN A 60 20.20 8.77 5.12
CA ASN A 60 19.35 9.98 5.02
C ASN A 60 18.14 9.75 4.15
N LYS A 61 18.02 8.63 3.44
CA LYS A 61 16.80 8.29 2.74
C LYS A 61 15.86 7.45 3.60
N SER A 62 16.38 6.87 4.68
CA SER A 62 15.53 6.03 5.55
C SER A 62 14.50 6.88 6.27
N GLY A 63 14.90 8.12 6.63
CA GLY A 63 14.05 9.08 7.32
C GLY A 63 14.95 10.22 7.82
N PRO A 64 14.35 11.33 8.19
CA PRO A 64 15.14 12.46 8.73
C PRO A 64 15.87 12.10 9.98
N ASP A 65 15.41 11.17 10.78
CA ASP A 65 16.09 10.74 12.01
C ASP A 65 17.03 9.56 11.72
N HIS A 66 17.14 9.17 10.45
CA HIS A 66 17.92 7.98 10.09
C HIS A 66 17.35 6.69 10.70
N GLY A 67 16.10 6.69 11.12
CA GLY A 67 15.48 5.53 11.72
C GLY A 67 15.29 4.39 10.73
N ASN A 68 15.20 3.19 11.22
CA ASN A 68 15.02 2.03 10.36
C ASN A 68 14.23 0.95 11.10
N GLY A 69 13.98 -0.17 10.48
CA GLY A 69 13.20 -1.25 11.04
C GLY A 69 13.99 -2.25 11.86
N ASP A 70 15.18 -1.85 12.36
CA ASP A 70 15.97 -2.85 13.12
C ASP A 70 15.25 -3.47 14.30
N THR A 71 14.57 -2.61 15.03
CA THR A 71 13.88 -3.18 16.25
C THR A 71 12.44 -2.71 16.24
N THR A 72 12.20 -1.47 15.79
CA THR A 72 10.85 -0.94 15.67
C THR A 72 9.99 -1.30 16.85
N CYS A 73 8.71 -1.71 16.65
CA CYS A 73 7.88 -2.01 17.79
C CYS A 73 8.04 -3.46 18.24
N ASP A 74 8.99 -4.20 17.61
CA ASP A 74 9.26 -5.54 18.14
C ASP A 74 8.01 -6.41 18.17
N SER A 75 7.36 -6.51 17.04
CA SER A 75 6.23 -7.45 16.92
C SER A 75 6.78 -8.85 16.79
N PHE A 76 8.09 -9.05 16.57
CA PHE A 76 8.60 -10.40 16.66
C PHE A 76 8.30 -10.91 18.06
N SER A 77 8.72 -10.10 19.09
CA SER A 77 8.46 -10.53 20.45
C SER A 77 7.05 -10.26 20.93
N TYR A 78 6.48 -9.19 20.50
CA TYR A 78 5.16 -8.76 21.01
C TYR A 78 4.02 -8.97 20.05
N TRP A 79 4.06 -10.04 19.23
CA TRP A 79 2.91 -10.31 18.35
C TRP A 79 1.61 -10.48 19.13
N GLN A 80 1.74 -11.06 20.35
CA GLN A 80 0.55 -11.26 21.15
C GLN A 80 -0.11 -9.93 21.50
N LYS A 81 0.72 -8.89 21.72
CA LYS A 81 0.16 -7.60 22.09
C LYS A 81 -0.57 -7.03 20.89
N ASP A 82 -0.17 -7.38 19.66
CA ASP A 82 -0.87 -6.92 18.46
C ASP A 82 -2.28 -7.52 18.45
N ILE A 83 -2.31 -8.87 18.67
CA ILE A 83 -3.56 -9.59 18.75
C ILE A 83 -4.45 -9.00 19.87
N ASP A 84 -3.86 -8.65 21.01
CA ASP A 84 -4.63 -8.00 22.07
C ASP A 84 -5.24 -6.65 21.65
N VAL A 85 -4.59 -5.84 20.83
CA VAL A 85 -5.12 -4.58 20.33
C VAL A 85 -6.36 -4.93 19.50
N LEU A 86 -6.19 -5.90 18.60
CA LEU A 86 -7.25 -6.30 17.69
C LEU A 86 -8.48 -6.81 18.42
N ASP A 87 -8.19 -7.61 19.47
CA ASP A 87 -9.24 -8.14 20.35
C ASP A 87 -9.94 -7.01 21.11
N GLU A 88 -9.22 -6.03 21.63
CA GLU A 88 -9.81 -4.83 22.21
C GLU A 88 -10.72 -4.11 21.21
N LEU A 89 -10.28 -3.97 19.98
CA LEU A 89 -11.09 -3.28 18.98
C LEU A 89 -12.32 -4.08 18.57
N ASN A 90 -12.36 -5.38 18.88
CA ASN A 90 -13.34 -6.30 18.34
C ASN A 90 -13.23 -6.34 16.81
N ALA A 91 -11.98 -6.23 16.33
CA ALA A 91 -11.74 -6.24 14.89
C ALA A 91 -12.11 -7.58 14.33
N THR A 92 -12.57 -7.62 13.09
CA THR A 92 -12.82 -8.86 12.39
C THR A 92 -11.78 -9.12 11.32
N GLY A 93 -10.87 -8.19 11.05
CA GLY A 93 -9.84 -8.44 10.07
C GLY A 93 -8.52 -7.79 10.57
N TYR A 94 -7.43 -8.41 10.06
CA TYR A 94 -6.11 -7.83 10.26
C TYR A 94 -5.28 -8.13 9.02
N ARG A 95 -4.71 -7.11 8.45
CA ARG A 95 -3.79 -7.30 7.33
C ARG A 95 -2.37 -7.18 7.86
N PHE A 96 -1.59 -8.19 7.61
CA PHE A 96 -0.17 -8.17 7.97
C PHE A 96 0.59 -8.75 6.79
N SER A 97 1.90 -8.58 6.82
CA SER A 97 2.68 -9.20 5.73
C SER A 97 3.64 -10.24 6.28
N ILE A 98 3.97 -11.21 5.46
CA ILE A 98 5.01 -12.19 5.74
C ILE A 98 6.32 -11.62 5.19
N ALA A 99 7.33 -11.64 6.07
CA ALA A 99 8.66 -11.26 5.63
C ALA A 99 9.29 -12.44 4.88
N TRP A 100 9.48 -12.32 3.57
CA TRP A 100 10.18 -13.33 2.80
C TRP A 100 11.43 -13.73 3.50
N SER A 101 12.24 -12.75 3.96
CA SER A 101 13.53 -13.06 4.59
C SER A 101 13.39 -13.77 5.90
N ARG A 102 12.21 -13.81 6.54
CA ARG A 102 12.02 -14.58 7.79
C ARG A 102 11.78 -16.05 7.47
N ILE A 103 11.09 -16.37 6.37
CA ILE A 103 10.83 -17.79 6.10
C ILE A 103 11.78 -18.38 5.09
N ILE A 104 12.38 -17.61 4.17
CA ILE A 104 13.41 -18.10 3.27
C ILE A 104 14.49 -17.05 3.26
N PRO A 105 15.36 -17.04 4.30
CA PRO A 105 16.41 -16.05 4.45
C PRO A 105 17.34 -16.03 3.24
N ARG A 106 17.55 -17.14 2.56
CA ARG A 106 18.41 -17.20 1.38
C ARG A 106 17.70 -16.91 0.05
N GLY A 107 16.45 -16.43 0.13
CA GLY A 107 15.75 -15.99 -1.05
C GLY A 107 15.13 -17.12 -1.85
N LYS A 108 15.96 -17.99 -2.40
CA LYS A 108 15.54 -19.11 -3.22
C LYS A 108 15.16 -20.29 -2.33
N ARG A 109 13.94 -20.80 -2.46
CA ARG A 109 13.41 -21.84 -1.62
C ARG A 109 14.27 -23.11 -1.57
N SER A 110 14.90 -23.47 -2.65
CA SER A 110 15.75 -24.68 -2.64
C SER A 110 16.92 -24.58 -1.68
N ARG A 111 17.29 -23.33 -1.26
CA ARG A 111 18.39 -23.15 -0.35
C ARG A 111 18.00 -23.43 1.10
N GLY A 112 16.72 -23.72 1.36
CA GLY A 112 16.28 -24.07 2.71
C GLY A 112 15.29 -23.03 3.24
N VAL A 113 14.51 -23.52 4.20
CA VAL A 113 13.54 -22.67 4.85
C VAL A 113 13.92 -22.49 6.31
N ASN A 114 13.42 -21.44 6.92
CA ASN A 114 13.61 -21.17 8.34
C ASN A 114 12.38 -21.65 9.08
N GLU A 115 12.51 -22.84 9.68
CA GLU A 115 11.36 -23.45 10.39
C GLU A 115 10.87 -22.56 11.53
N LYS A 116 11.76 -21.89 12.24
CA LYS A 116 11.34 -21.02 13.34
C LYS A 116 10.57 -19.81 12.80
N GLY A 117 10.95 -19.31 11.63
CA GLY A 117 10.19 -18.24 10.98
C GLY A 117 8.80 -18.65 10.61
N ILE A 118 8.70 -19.88 10.07
CA ILE A 118 7.39 -20.45 9.73
C ILE A 118 6.53 -20.55 10.97
N ASP A 119 7.14 -21.04 12.08
CA ASP A 119 6.45 -21.13 13.36
C ASP A 119 5.97 -19.79 13.89
N TYR A 120 6.75 -18.73 13.72
CA TYR A 120 6.31 -17.40 14.12
C TYR A 120 4.97 -17.08 13.47
N TYR A 121 4.81 -17.24 12.15
CA TYR A 121 3.57 -16.88 11.48
C TYR A 121 2.45 -17.86 11.84
N HIS A 122 2.82 -19.16 12.03
CA HIS A 122 1.78 -20.08 12.48
C HIS A 122 1.11 -19.65 13.78
N GLY A 123 1.94 -19.20 14.74
CA GLY A 123 1.41 -18.79 16.03
C GLY A 123 0.58 -17.52 15.92
N LEU A 124 1.03 -16.57 15.11
CA LEU A 124 0.24 -15.35 14.90
C LEU A 124 -1.12 -15.71 14.30
N ILE A 125 -1.09 -16.51 13.23
CA ILE A 125 -2.33 -16.85 12.52
C ILE A 125 -3.33 -17.59 13.42
N SER A 126 -2.75 -18.58 14.16
CA SER A 126 -3.59 -19.30 15.11
C SER A 126 -4.20 -18.38 16.19
N GLY A 127 -3.42 -17.43 16.66
CA GLY A 127 -3.91 -16.50 17.66
C GLY A 127 -4.98 -15.57 17.10
N LEU A 128 -4.81 -15.12 15.88
CA LEU A 128 -5.83 -14.26 15.29
C LEU A 128 -7.13 -15.03 15.13
N ILE A 129 -7.04 -16.24 14.56
CA ILE A 129 -8.26 -17.02 14.32
C ILE A 129 -8.98 -17.33 15.62
N LYS A 130 -8.19 -17.61 16.67
CA LYS A 130 -8.81 -17.87 17.96
C LYS A 130 -9.56 -16.69 18.54
N LYS A 131 -9.30 -15.48 18.10
CA LYS A 131 -10.03 -14.31 18.56
C LYS A 131 -11.03 -13.84 17.52
N GLY A 132 -11.31 -14.68 16.52
CA GLY A 132 -12.26 -14.32 15.47
C GLY A 132 -11.83 -13.29 14.46
N ILE A 133 -10.55 -13.14 14.26
CA ILE A 133 -10.00 -12.14 13.34
C ILE A 133 -9.59 -12.81 12.05
N THR A 134 -10.09 -12.34 10.93
CA THR A 134 -9.72 -12.89 9.65
C THR A 134 -8.41 -12.27 9.14
N PRO A 135 -7.39 -13.10 8.94
CA PRO A 135 -6.14 -12.62 8.36
C PRO A 135 -6.24 -12.27 6.88
N PHE A 136 -5.65 -11.16 6.49
CA PHE A 136 -5.47 -10.76 5.11
C PHE A 136 -3.93 -10.68 5.00
N VAL A 137 -3.31 -11.57 4.25
CA VAL A 137 -1.87 -11.69 4.35
C VAL A 137 -1.15 -11.26 3.08
N THR A 138 -0.30 -10.28 3.23
CA THR A 138 0.47 -9.78 2.08
C THR A 138 1.72 -10.63 1.93
N LEU A 139 1.93 -11.23 0.79
CA LEU A 139 3.16 -12.01 0.58
C LEU A 139 4.36 -11.09 0.41
N PHE A 140 4.20 -9.93 -0.23
CA PHE A 140 5.37 -9.12 -0.49
C PHE A 140 5.04 -7.63 -0.28
N HIS A 141 5.49 -7.18 0.89
CA HIS A 141 5.40 -5.77 1.22
C HIS A 141 6.77 -5.13 1.16
N TRP A 142 7.40 -5.25 -0.01
CA TRP A 142 8.59 -4.54 -0.45
C TRP A 142 9.91 -5.07 0.08
N ASP A 143 9.86 -5.97 1.04
CA ASP A 143 11.06 -6.42 1.73
C ASP A 143 11.68 -7.63 1.08
N LEU A 144 12.24 -7.40 -0.12
CA LEU A 144 12.84 -8.48 -0.89
C LEU A 144 14.13 -8.92 -0.23
N PRO A 145 14.41 -10.19 -0.11
CA PRO A 145 15.70 -10.65 0.40
C PRO A 145 16.83 -9.99 -0.38
N GLN A 146 17.82 -9.50 0.37
CA GLN A 146 18.92 -8.73 -0.23
C GLN A 146 19.70 -9.58 -1.24
N THR A 147 19.83 -10.88 -0.89
CA THR A 147 20.53 -11.80 -1.84
C THR A 147 19.95 -11.73 -3.24
N LEU A 148 18.62 -11.62 -3.38
CA LEU A 148 18.00 -11.59 -4.73
C LEU A 148 18.31 -10.31 -5.46
N GLN A 149 18.33 -9.19 -4.73
CA GLN A 149 18.71 -7.91 -5.36
C GLN A 149 20.18 -7.94 -5.74
N ASP A 150 21.00 -8.65 -4.97
CA ASP A 150 22.44 -8.68 -5.32
C ASP A 150 22.71 -9.70 -6.41
N GLU A 151 21.94 -10.80 -6.47
CA GLU A 151 22.19 -11.77 -7.53
C GLU A 151 21.80 -11.22 -8.91
N TYR A 152 20.59 -10.65 -8.95
CA TYR A 152 20.10 -10.28 -10.27
C TYR A 152 19.29 -9.00 -10.29
N GLU A 153 19.41 -8.18 -9.24
CA GLU A 153 18.71 -6.94 -9.14
C GLU A 153 17.20 -7.11 -9.01
N GLY A 154 16.82 -8.20 -8.30
CA GLY A 154 15.44 -8.36 -7.91
C GLY A 154 14.46 -8.25 -9.06
N PHE A 155 13.45 -7.37 -8.86
CA PHE A 155 12.38 -7.28 -9.85
C PHE A 155 12.83 -6.66 -11.16
N LEU A 156 14.08 -6.25 -11.28
CA LEU A 156 14.60 -5.81 -12.59
C LEU A 156 14.78 -6.99 -13.54
N ASP A 157 14.88 -8.21 -13.02
CA ASP A 157 15.19 -9.38 -13.85
C ASP A 157 14.07 -10.39 -13.83
N PRO A 158 13.84 -11.11 -14.93
CA PRO A 158 12.76 -12.11 -14.93
C PRO A 158 12.98 -13.29 -14.04
N GLN A 159 14.19 -13.47 -13.48
CA GLN A 159 14.44 -14.51 -12.51
C GLN A 159 13.62 -14.38 -11.25
N ILE A 160 13.16 -13.13 -11.00
CA ILE A 160 12.29 -12.92 -9.86
C ILE A 160 11.03 -13.76 -9.90
N ILE A 161 10.50 -14.01 -11.11
CA ILE A 161 9.22 -14.68 -11.22
C ILE A 161 9.20 -16.02 -10.55
N ASP A 162 10.18 -16.87 -10.88
CA ASP A 162 10.16 -18.21 -10.24
C ASP A 162 10.55 -18.19 -8.80
N ASP A 163 11.44 -17.25 -8.36
CA ASP A 163 11.76 -17.19 -6.94
C ASP A 163 10.54 -16.72 -6.15
N PHE A 164 9.79 -15.73 -6.67
CA PHE A 164 8.59 -15.31 -5.97
C PHE A 164 7.56 -16.43 -5.96
N LYS A 165 7.42 -17.16 -7.08
CA LYS A 165 6.47 -18.26 -7.16
C LYS A 165 6.78 -19.33 -6.10
N ASP A 166 8.05 -19.70 -5.96
CA ASP A 166 8.42 -20.74 -5.00
C ASP A 166 8.19 -20.27 -3.57
N TYR A 167 8.41 -19.00 -3.27
CA TYR A 167 8.12 -18.43 -1.98
C TYR A 167 6.62 -18.46 -1.69
N ALA A 168 5.83 -17.99 -2.65
CA ALA A 168 4.39 -17.98 -2.46
C ALA A 168 3.92 -19.43 -2.24
N ASP A 169 4.41 -20.38 -3.03
CA ASP A 169 3.99 -21.78 -2.88
C ASP A 169 4.21 -22.26 -1.46
N LEU A 170 5.36 -21.91 -0.85
CA LEU A 170 5.68 -22.27 0.52
C LEU A 170 4.64 -21.65 1.46
N CYS A 171 4.34 -20.36 1.27
CA CYS A 171 3.30 -19.73 2.10
C CYS A 171 1.96 -20.43 1.99
N PHE A 172 1.51 -20.71 0.77
CA PHE A 172 0.21 -21.38 0.59
C PHE A 172 0.22 -22.74 1.27
N GLU A 173 1.29 -23.50 1.06
CA GLU A 173 1.40 -24.84 1.65
C GLU A 173 1.39 -24.75 3.18
N GLU A 174 2.17 -23.83 3.78
CA GLU A 174 2.23 -23.79 5.25
C GLU A 174 1.04 -23.09 5.86
N PHE A 175 0.48 -22.04 5.29
CA PHE A 175 -0.52 -21.25 6.01
C PHE A 175 -1.89 -21.22 5.39
N GLY A 176 -2.00 -21.71 4.14
CA GLY A 176 -3.25 -21.62 3.42
C GLY A 176 -4.45 -22.39 3.94
N ASP A 177 -4.16 -23.38 4.81
CA ASP A 177 -5.30 -24.04 5.48
C ASP A 177 -6.01 -23.11 6.44
N SER A 178 -5.35 -22.04 6.91
CA SER A 178 -5.95 -21.05 7.80
C SER A 178 -6.16 -19.69 7.16
N VAL A 179 -5.29 -19.30 6.22
CA VAL A 179 -5.43 -18.00 5.61
C VAL A 179 -6.27 -18.11 4.33
N LYS A 180 -7.28 -17.29 4.20
CA LYS A 180 -8.18 -17.35 3.07
C LYS A 180 -8.22 -16.11 2.22
N TYR A 181 -7.40 -15.11 2.61
CA TYR A 181 -7.33 -13.88 1.86
C TYR A 181 -5.83 -13.56 1.75
N TRP A 182 -5.33 -13.62 0.53
CA TRP A 182 -3.96 -13.32 0.19
C TRP A 182 -3.82 -12.11 -0.74
N LEU A 183 -2.81 -11.33 -0.38
CA LEU A 183 -2.42 -10.19 -1.23
C LEU A 183 -1.06 -10.51 -1.83
N THR A 184 -0.80 -10.27 -3.09
CA THR A 184 0.50 -10.61 -3.65
C THR A 184 1.54 -9.55 -3.40
N ILE A 185 1.52 -8.47 -4.11
CA ILE A 185 2.46 -7.38 -4.07
C ILE A 185 1.79 -6.10 -3.56
N ASN A 186 2.37 -5.53 -2.49
CA ASN A 186 1.82 -4.26 -2.02
C ASN A 186 2.07 -3.08 -2.98
N GLN A 187 1.02 -2.29 -3.25
CA GLN A 187 1.03 -1.09 -4.07
C GLN A 187 1.96 -1.23 -5.27
N LEU A 188 1.40 -1.84 -6.31
CA LEU A 188 2.18 -2.11 -7.52
C LEU A 188 2.92 -0.89 -8.08
N TYR A 189 2.33 0.29 -7.99
CA TYR A 189 2.98 1.48 -8.56
C TYR A 189 4.23 1.93 -7.84
N SER A 190 4.32 1.61 -6.54
CA SER A 190 5.38 2.20 -5.72
C SER A 190 6.81 1.77 -5.94
N VAL A 191 7.08 0.48 -6.02
CA VAL A 191 8.48 0.07 -6.22
C VAL A 191 8.98 0.56 -7.56
N PRO A 192 8.29 0.36 -8.67
CA PRO A 192 8.81 0.83 -9.95
C PRO A 192 9.19 2.32 -9.93
N THR A 193 8.31 3.16 -9.37
CA THR A 193 8.53 4.58 -9.41
C THR A 193 9.50 5.10 -8.37
N ARG A 194 9.26 4.70 -7.10
CA ARG A 194 10.14 5.17 -6.05
C ARG A 194 11.41 4.36 -5.86
N GLY A 195 11.36 3.07 -6.14
CA GLY A 195 12.53 2.21 -6.00
C GLY A 195 13.50 2.29 -7.19
N TYR A 196 12.95 2.55 -8.39
CA TYR A 196 13.72 2.53 -9.61
C TYR A 196 13.58 3.79 -10.47
N GLY A 197 12.79 4.73 -9.94
CA GLY A 197 12.63 6.00 -10.71
C GLY A 197 13.27 7.17 -9.96
N SER A 198 12.68 7.52 -8.81
CA SER A 198 13.20 8.58 -7.99
C SER A 198 14.25 8.15 -6.96
N ALA A 199 14.28 6.86 -6.68
CA ALA A 199 15.22 6.32 -5.72
C ALA A 199 14.95 6.85 -4.31
N LEU A 200 13.70 7.16 -4.02
CA LEU A 200 13.27 7.46 -2.67
C LEU A 200 13.07 6.19 -1.84
N ASP A 201 12.85 5.05 -2.49
CA ASP A 201 12.61 3.79 -1.78
C ASP A 201 13.65 2.75 -2.23
N ALA A 202 13.73 1.68 -1.44
CA ALA A 202 14.61 0.55 -1.83
C ALA A 202 14.13 0.02 -3.19
N PRO A 203 15.04 -0.43 -4.01
CA PRO A 203 16.44 -0.59 -3.76
C PRO A 203 17.28 0.65 -3.91
N GLY A 204 16.65 1.73 -4.48
CA GLY A 204 17.41 2.99 -4.60
C GLY A 204 18.14 3.12 -5.91
N ARG A 205 17.59 2.72 -7.02
CA ARG A 205 18.21 2.83 -8.33
C ARG A 205 17.57 3.98 -9.08
N CYS A 206 18.39 4.66 -9.92
CA CYS A 206 17.89 5.76 -10.71
C CYS A 206 18.98 6.21 -11.68
N SER A 207 18.62 7.15 -12.56
CA SER A 207 19.61 7.69 -13.48
C SER A 207 20.59 8.55 -12.72
N PRO A 208 21.86 8.63 -13.17
CA PRO A 208 22.88 9.36 -12.46
C PRO A 208 22.54 10.81 -12.13
N THR A 209 21.92 11.53 -13.08
CA THR A 209 21.60 12.93 -12.84
C THR A 209 20.29 13.15 -12.10
N VAL A 210 19.49 12.12 -11.90
CA VAL A 210 18.34 12.24 -11.01
C VAL A 210 18.80 12.32 -9.57
N ASP A 211 19.69 11.43 -9.17
CA ASP A 211 20.26 11.38 -7.84
C ASP A 211 21.60 10.72 -7.96
N PRO A 212 22.69 11.46 -7.79
CA PRO A 212 24.04 10.92 -7.89
C PRO A 212 24.36 9.85 -6.88
N SER A 213 23.59 9.71 -5.81
CA SER A 213 23.84 8.68 -4.82
C SER A 213 23.35 7.31 -5.30
N CYS A 214 22.46 7.21 -6.28
CA CYS A 214 22.01 5.88 -6.69
C CYS A 214 23.24 5.05 -7.13
N TYR A 215 23.26 3.77 -6.81
CA TYR A 215 24.37 2.93 -7.19
C TYR A 215 24.37 2.55 -8.64
N ALA A 216 23.21 2.58 -9.25
CA ALA A 216 23.01 2.19 -10.64
C ALA A 216 21.61 2.62 -11.02
N GLY A 217 21.25 2.45 -12.29
CA GLY A 217 19.89 2.60 -12.71
C GLY A 217 19.66 3.47 -13.95
N ASN A 218 18.39 3.55 -14.24
CA ASN A 218 17.91 4.31 -15.38
C ASN A 218 16.41 4.56 -15.13
N SER A 219 16.16 5.81 -14.69
CA SER A 219 14.81 6.20 -14.28
C SER A 219 13.77 6.20 -15.39
N SER A 220 14.24 6.27 -16.62
CA SER A 220 13.34 6.29 -17.78
C SER A 220 12.87 4.91 -18.22
N THR A 221 13.73 3.90 -18.03
CA THR A 221 13.40 2.57 -18.48
C THR A 221 13.05 1.55 -17.37
N GLU A 222 13.78 1.63 -16.25
CA GLU A 222 13.65 0.58 -15.23
C GLU A 222 12.31 0.54 -14.58
N PRO A 223 11.61 1.63 -14.31
CA PRO A 223 10.28 1.52 -13.74
C PRO A 223 9.38 0.64 -14.57
N TYR A 224 9.47 0.75 -15.92
CA TYR A 224 8.64 -0.08 -16.78
C TYR A 224 9.03 -1.55 -16.73
N ILE A 225 10.32 -1.82 -16.71
CA ILE A 225 10.79 -3.20 -16.61
C ILE A 225 10.31 -3.87 -15.31
N VAL A 226 10.51 -3.14 -14.22
CA VAL A 226 10.11 -3.65 -12.91
C VAL A 226 8.61 -3.81 -12.80
N ALA A 227 7.83 -2.84 -13.30
CA ALA A 227 6.38 -2.95 -13.26
C ALA A 227 5.93 -4.22 -14.00
N HIS A 228 6.56 -4.47 -15.16
CA HIS A 228 6.21 -5.61 -16.01
C HIS A 228 6.49 -6.92 -15.30
N HIS A 229 7.66 -6.99 -14.67
CA HIS A 229 8.01 -8.21 -13.91
C HIS A 229 7.12 -8.40 -12.69
N GLN A 230 6.74 -7.27 -12.04
CA GLN A 230 5.78 -7.38 -10.95
C GLN A 230 4.47 -8.01 -11.46
N LEU A 231 3.94 -7.54 -12.57
CA LEU A 231 2.68 -8.10 -13.08
C LEU A 231 2.85 -9.57 -13.41
N LEU A 232 3.97 -9.94 -14.05
CA LEU A 232 4.20 -11.34 -14.37
C LEU A 232 4.35 -12.20 -13.13
N ALA A 233 5.12 -11.71 -12.17
CA ALA A 233 5.31 -12.52 -10.92
C ALA A 233 4.00 -12.65 -10.14
N HIS A 234 3.25 -11.52 -10.05
CA HIS A 234 1.92 -11.57 -9.45
C HIS A 234 1.07 -12.65 -10.14
N ALA A 235 1.02 -12.57 -11.48
CA ALA A 235 0.10 -13.43 -12.22
C ALA A 235 0.49 -14.90 -12.09
N LYS A 236 1.79 -15.19 -12.07
CA LYS A 236 2.28 -16.55 -11.91
C LYS A 236 1.84 -17.09 -10.53
N VAL A 237 1.92 -16.24 -9.53
CA VAL A 237 1.46 -16.64 -8.19
C VAL A 237 -0.04 -16.83 -8.12
N VAL A 238 -0.81 -15.97 -8.78
CA VAL A 238 -2.26 -16.19 -8.76
C VAL A 238 -2.59 -17.48 -9.47
N ASP A 239 -1.94 -17.77 -10.62
CA ASP A 239 -2.20 -19.02 -11.33
C ASP A 239 -1.86 -20.23 -10.47
N LEU A 240 -0.73 -20.15 -9.78
CA LEU A 240 -0.34 -21.21 -8.87
C LEU A 240 -1.39 -21.43 -7.77
N TYR A 241 -1.84 -20.32 -7.21
CA TYR A 241 -2.86 -20.42 -6.15
C TYR A 241 -4.14 -21.06 -6.67
N ARG A 242 -4.62 -20.59 -7.82
CA ARG A 242 -5.92 -21.01 -8.32
C ARG A 242 -5.86 -22.40 -8.90
N LYS A 243 -4.67 -22.85 -9.33
CA LYS A 243 -4.59 -24.19 -9.89
C LYS A 243 -4.16 -25.27 -8.91
N ASN A 244 -3.36 -24.89 -7.94
CA ASN A 244 -2.86 -25.86 -6.97
C ASN A 244 -3.38 -25.74 -5.55
N TYR A 245 -4.01 -24.64 -5.18
CA TYR A 245 -4.51 -24.49 -3.83
C TYR A 245 -6.00 -24.16 -3.80
N THR A 246 -6.76 -24.53 -4.83
CA THR A 246 -8.20 -24.27 -4.87
C THR A 246 -8.92 -24.99 -3.73
N HIS A 247 -8.32 -26.10 -3.26
CA HIS A 247 -8.95 -26.79 -2.12
C HIS A 247 -8.96 -26.00 -0.84
N GLN A 248 -8.15 -24.95 -0.69
CA GLN A 248 -8.16 -24.16 0.51
C GLN A 248 -9.35 -23.21 0.54
N GLY A 249 -10.05 -22.97 -0.58
CA GLY A 249 -11.24 -22.13 -0.54
C GLY A 249 -10.98 -20.68 -0.17
N GLY A 250 -9.85 -20.16 -0.62
CA GLY A 250 -9.45 -18.78 -0.39
C GLY A 250 -9.48 -17.93 -1.67
N LYS A 251 -9.07 -16.68 -1.50
CA LYS A 251 -9.05 -15.70 -2.55
C LYS A 251 -7.72 -14.96 -2.55
N ILE A 252 -7.29 -14.52 -3.71
CA ILE A 252 -6.06 -13.78 -3.83
C ILE A 252 -6.21 -12.59 -4.75
N GLY A 253 -5.40 -11.57 -4.46
CA GLY A 253 -5.38 -10.42 -5.37
C GLY A 253 -4.18 -9.53 -5.15
N PRO A 254 -3.96 -8.58 -6.06
CA PRO A 254 -2.92 -7.59 -5.87
C PRO A 254 -3.37 -6.46 -4.94
N THR A 255 -2.41 -5.65 -4.54
CA THR A 255 -2.74 -4.39 -3.89
C THR A 255 -2.36 -3.24 -4.83
N MET A 256 -3.38 -2.37 -5.04
CA MET A 256 -3.11 -1.14 -5.74
C MET A 256 -3.04 0.03 -4.75
N ILE A 257 -2.14 0.96 -5.02
CA ILE A 257 -2.27 2.28 -4.41
C ILE A 257 -3.21 3.03 -5.37
N THR A 258 -4.27 3.61 -4.78
CA THR A 258 -5.16 4.42 -5.56
C THR A 258 -5.06 5.85 -5.11
N ARG A 259 -5.35 6.74 -6.02
CA ARG A 259 -5.56 8.16 -5.79
C ARG A 259 -6.71 8.53 -6.70
N TRP A 260 -7.42 9.60 -6.40
CA TRP A 260 -8.29 10.19 -7.42
C TRP A 260 -7.51 11.37 -8.00
N PHE A 261 -7.92 11.80 -9.20
CA PHE A 261 -7.33 12.97 -9.87
C PHE A 261 -8.43 13.86 -10.35
N LEU A 262 -8.27 15.16 -10.14
CA LEU A 262 -9.19 16.19 -10.59
C LEU A 262 -8.38 17.21 -11.42
N PRO A 263 -9.06 17.90 -12.33
CA PRO A 263 -8.32 18.89 -13.10
C PRO A 263 -7.94 20.07 -12.24
N TYR A 264 -6.71 20.54 -12.38
CA TYR A 264 -6.20 21.75 -11.77
C TYR A 264 -7.04 22.92 -12.22
N ASN A 265 -7.51 22.89 -13.46
CA ASN A 265 -8.44 23.89 -13.97
C ASN A 265 -9.53 23.16 -14.73
N ASP A 266 -10.74 23.11 -14.13
CA ASP A 266 -11.78 22.24 -14.67
C ASP A 266 -12.53 22.78 -15.86
N THR A 267 -12.08 23.93 -16.37
CA THR A 267 -12.60 24.42 -17.63
C THR A 267 -11.51 24.48 -18.67
N ASP A 268 -10.33 23.96 -18.42
CA ASP A 268 -9.21 23.96 -19.32
C ASP A 268 -9.03 22.55 -19.86
N ARG A 269 -9.23 22.43 -21.19
CA ARG A 269 -9.11 21.10 -21.81
C ARG A 269 -7.74 20.48 -21.61
N HIS A 270 -6.65 21.26 -21.50
CA HIS A 270 -5.34 20.65 -21.29
C HIS A 270 -5.22 20.02 -19.90
N SER A 271 -5.78 20.71 -18.91
CA SER A 271 -5.76 20.15 -17.54
C SER A 271 -6.66 18.93 -17.45
N ILE A 272 -7.82 19.00 -18.12
CA ILE A 272 -8.75 17.86 -18.16
C ILE A 272 -8.07 16.65 -18.80
N ALA A 273 -7.36 16.87 -19.91
CA ALA A 273 -6.60 15.78 -20.55
C ALA A 273 -5.50 15.21 -19.64
N ALA A 274 -4.78 16.07 -18.93
CA ALA A 274 -3.73 15.61 -18.01
C ALA A 274 -4.32 14.76 -16.91
N THR A 275 -5.52 15.12 -16.49
CA THR A 275 -6.21 14.37 -15.43
C THR A 275 -6.58 12.96 -15.87
N GLU A 276 -7.05 12.84 -17.12
CA GLU A 276 -7.37 11.52 -17.65
C GLU A 276 -6.10 10.74 -17.92
N ARG A 277 -5.04 11.43 -18.40
CA ARG A 277 -3.78 10.71 -18.54
C ARG A 277 -3.30 10.16 -17.19
N MET A 278 -3.47 10.93 -16.15
CA MET A 278 -3.01 10.44 -14.83
C MET A 278 -3.75 9.21 -14.41
N LYS A 279 -5.07 9.13 -14.69
CA LYS A 279 -5.78 7.90 -14.34
C LYS A 279 -5.16 6.69 -15.05
N GLU A 280 -4.87 6.85 -16.33
CA GLU A 280 -4.27 5.76 -17.10
C GLU A 280 -2.87 5.44 -16.66
N PHE A 281 -2.03 6.44 -16.40
CA PHE A 281 -0.65 6.15 -16.06
C PHE A 281 -0.47 5.69 -14.62
N PHE A 282 -1.39 6.10 -13.76
CA PHE A 282 -1.28 5.74 -12.32
C PHE A 282 -2.03 4.45 -12.01
N LEU A 283 -3.28 4.40 -12.44
CA LEU A 283 -4.10 3.20 -12.20
C LEU A 283 -4.04 2.22 -13.36
N GLY A 284 -4.20 2.72 -14.59
CA GLY A 284 -4.28 1.86 -15.77
C GLY A 284 -3.00 1.11 -16.08
N TRP A 285 -1.85 1.64 -15.66
CA TRP A 285 -0.58 0.97 -15.88
C TRP A 285 -0.67 -0.50 -15.43
N PHE A 286 -1.36 -0.72 -14.27
CA PHE A 286 -1.55 -2.03 -13.72
C PHE A 286 -2.94 -2.59 -13.97
N MET A 287 -3.98 -1.76 -13.91
CA MET A 287 -5.33 -2.31 -14.09
C MET A 287 -5.63 -2.63 -15.54
N GLY A 288 -4.95 -1.98 -16.50
CA GLY A 288 -5.13 -2.40 -17.92
C GLY A 288 -4.68 -3.84 -18.07
N PRO A 289 -3.45 -4.15 -17.65
CA PRO A 289 -2.97 -5.53 -17.73
C PRO A 289 -3.84 -6.49 -16.93
N LEU A 290 -4.24 -6.14 -15.71
CA LEU A 290 -5.03 -6.99 -14.88
C LEU A 290 -6.45 -7.25 -15.41
N THR A 291 -7.02 -6.36 -16.20
CA THR A 291 -8.35 -6.57 -16.72
C THR A 291 -8.40 -6.88 -18.21
N ASN A 292 -7.33 -6.56 -18.95
CA ASN A 292 -7.37 -6.76 -20.38
C ASN A 292 -6.12 -7.41 -20.95
N GLY A 293 -5.07 -7.59 -20.15
CA GLY A 293 -3.83 -8.18 -20.59
C GLY A 293 -2.98 -7.26 -21.42
N THR A 294 -3.23 -5.97 -21.40
CA THR A 294 -2.48 -5.00 -22.18
C THR A 294 -2.31 -3.69 -21.39
N TYR A 295 -1.26 -2.95 -21.71
CA TYR A 295 -1.18 -1.61 -21.11
C TYR A 295 -2.13 -0.64 -21.77
N PRO A 296 -2.49 0.45 -21.12
CA PRO A 296 -3.34 1.45 -21.75
C PRO A 296 -2.72 1.95 -23.04
N GLN A 297 -3.59 2.30 -24.03
CA GLN A 297 -3.08 2.80 -25.28
C GLN A 297 -2.29 4.10 -25.12
N ILE A 298 -2.68 4.99 -24.23
CA ILE A 298 -1.87 6.21 -24.08
C ILE A 298 -0.48 5.86 -23.60
N MET A 299 -0.27 4.83 -22.78
CA MET A 299 1.03 4.43 -22.38
C MET A 299 1.78 3.78 -23.53
N ILE A 300 1.09 2.95 -24.32
CA ILE A 300 1.72 2.35 -25.48
C ILE A 300 2.28 3.44 -26.39
N ASP A 301 1.45 4.46 -26.63
CA ASP A 301 1.81 5.54 -27.54
C ASP A 301 2.93 6.43 -27.01
N THR A 302 2.86 6.79 -25.73
CA THR A 302 3.86 7.71 -25.21
C THR A 302 5.20 7.04 -24.89
N VAL A 303 5.12 5.89 -24.26
CA VAL A 303 6.30 5.20 -23.74
C VAL A 303 7.05 4.47 -24.83
N GLY A 304 6.31 4.11 -25.88
CA GLY A 304 6.98 3.56 -27.06
C GLY A 304 7.84 2.33 -26.73
N GLU A 305 9.08 2.35 -27.22
CA GLU A 305 9.99 1.22 -27.09
C GLU A 305 10.39 0.96 -25.66
N ARG A 306 10.19 1.93 -24.75
CA ARG A 306 10.46 1.68 -23.33
C ARG A 306 9.36 0.88 -22.63
N LEU A 307 8.28 0.58 -23.30
CA LEU A 307 7.23 -0.21 -22.64
C LEU A 307 7.32 -1.66 -23.07
N PRO A 308 7.58 -2.59 -22.19
CA PRO A 308 7.62 -3.99 -22.59
C PRO A 308 6.28 -4.50 -23.14
N SER A 309 6.33 -5.53 -23.98
CA SER A 309 5.13 -6.17 -24.50
C SER A 309 4.92 -7.48 -23.74
N PHE A 310 3.68 -7.87 -23.61
CA PHE A 310 3.32 -9.18 -23.12
C PHE A 310 3.19 -10.11 -24.35
N SER A 311 3.69 -11.32 -24.22
CA SER A 311 3.44 -12.33 -25.25
C SER A 311 1.98 -12.73 -25.10
N PRO A 312 1.41 -13.43 -26.07
CA PRO A 312 0.04 -13.90 -25.91
C PRO A 312 -0.12 -14.74 -24.67
N GLU A 313 0.80 -15.62 -24.33
CA GLU A 313 0.72 -16.45 -23.13
C GLU A 313 0.73 -15.60 -21.86
N GLU A 314 1.67 -14.63 -21.82
CA GLU A 314 1.75 -13.71 -20.68
C GLU A 314 0.48 -12.85 -20.53
N SER A 315 -0.07 -12.37 -21.62
CA SER A 315 -1.26 -11.54 -21.58
C SER A 315 -2.39 -12.35 -20.95
N ASN A 316 -2.49 -13.61 -21.37
CA ASN A 316 -3.52 -14.50 -20.85
C ASN A 316 -3.34 -14.83 -19.37
N LEU A 317 -2.10 -14.93 -18.94
CA LEU A 317 -1.81 -15.19 -17.55
C LEU A 317 -2.17 -13.98 -16.68
N VAL A 318 -1.84 -12.77 -17.16
CA VAL A 318 -2.06 -11.57 -16.37
C VAL A 318 -3.52 -11.15 -16.34
N LYS A 319 -4.19 -11.20 -17.51
CA LYS A 319 -5.58 -10.81 -17.60
C LYS A 319 -6.45 -11.62 -16.66
N GLY A 320 -7.17 -10.97 -15.78
CA GLY A 320 -8.09 -11.65 -14.89
C GLY A 320 -7.38 -12.27 -13.70
N SER A 321 -6.15 -11.93 -13.41
CA SER A 321 -5.36 -12.56 -12.36
C SER A 321 -5.68 -11.99 -10.98
N TYR A 322 -6.93 -12.07 -10.58
CA TYR A 322 -7.34 -11.60 -9.25
C TYR A 322 -8.72 -12.16 -8.97
N ASP A 323 -8.92 -12.47 -7.70
CA ASP A 323 -10.27 -12.77 -7.18
C ASP A 323 -10.91 -11.52 -6.56
N PHE A 324 -10.05 -10.63 -6.12
CA PHE A 324 -10.46 -9.34 -5.55
C PHE A 324 -9.29 -8.37 -5.71
N LEU A 325 -9.56 -7.10 -5.41
CA LEU A 325 -8.50 -6.10 -5.41
C LEU A 325 -8.36 -5.56 -3.98
N GLY A 326 -7.11 -5.48 -3.50
CA GLY A 326 -6.87 -4.72 -2.29
C GLY A 326 -6.54 -3.27 -2.74
N LEU A 327 -7.44 -2.36 -2.38
CA LEU A 327 -7.25 -0.97 -2.77
C LEU A 327 -6.82 -0.17 -1.55
N ASN A 328 -5.64 0.42 -1.64
CA ASN A 328 -5.20 1.38 -0.61
C ASN A 328 -5.59 2.76 -1.12
N TYR A 329 -6.00 3.67 -0.27
CA TYR A 329 -6.39 5.02 -0.64
C TYR A 329 -6.02 5.99 0.47
N TYR A 330 -5.30 7.04 0.05
CA TYR A 330 -4.97 8.09 0.99
C TYR A 330 -5.40 9.50 0.54
N PHE A 331 -5.17 9.88 -0.71
CA PHE A 331 -5.45 11.24 -1.11
C PHE A 331 -5.66 11.33 -2.63
N THR A 332 -6.01 12.58 -3.01
CA THR A 332 -6.33 12.96 -4.38
C THR A 332 -5.52 14.19 -4.79
N GLN A 333 -5.16 14.24 -6.07
CA GLN A 333 -4.36 15.35 -6.59
C GLN A 333 -5.04 16.02 -7.75
N TYR A 334 -4.70 17.30 -7.89
CA TYR A 334 -5.10 18.07 -9.06
C TYR A 334 -3.98 17.86 -10.10
N ALA A 335 -4.37 17.77 -11.37
CA ALA A 335 -3.45 17.54 -12.48
C ALA A 335 -3.53 18.65 -13.50
N GLN A 336 -2.35 19.10 -13.95
CA GLN A 336 -2.22 20.12 -15.01
C GLN A 336 -1.15 19.58 -15.95
N PRO A 337 -1.11 20.08 -17.19
CA PRO A 337 -0.10 19.63 -18.12
C PRO A 337 1.33 19.96 -17.73
N SER A 338 2.22 19.07 -18.15
CA SER A 338 3.66 19.28 -17.94
C SER A 338 4.37 18.63 -19.13
N PRO A 339 5.52 19.15 -19.50
CA PRO A 339 6.29 18.61 -20.60
C PRO A 339 6.90 17.25 -20.23
N ASN A 340 7.17 16.47 -21.30
CA ASN A 340 7.76 15.14 -21.09
C ASN A 340 9.09 15.12 -21.81
N PRO A 341 10.18 15.54 -21.21
CA PRO A 341 11.46 15.61 -21.91
C PRO A 341 12.21 14.29 -21.96
N VAL A 342 11.79 13.42 -22.87
CA VAL A 342 12.31 12.05 -22.98
C VAL A 342 13.80 11.99 -23.29
N ASN A 343 14.35 13.00 -23.97
CA ASN A 343 15.77 13.04 -24.20
C ASN A 343 16.60 13.64 -23.08
N SER A 344 16.08 14.23 -22.04
CA SER A 344 16.85 14.76 -20.94
C SER A 344 17.48 13.58 -20.17
N THR A 345 18.70 13.86 -19.70
CA THR A 345 19.37 12.79 -18.93
C THR A 345 18.61 12.60 -17.60
N ASN A 346 17.85 13.59 -17.14
CA ASN A 346 17.12 13.34 -15.90
C ASN A 346 15.67 12.93 -16.13
N HIS A 347 15.37 12.43 -17.32
CA HIS A 347 14.03 11.92 -17.58
C HIS A 347 13.68 10.77 -16.62
N THR A 348 12.43 10.80 -16.18
CA THR A 348 11.93 9.69 -15.38
C THR A 348 10.65 9.16 -16.00
N ALA A 349 10.31 7.90 -15.71
CA ALA A 349 9.08 7.31 -16.17
C ALA A 349 7.87 8.10 -15.71
N MET A 350 7.98 8.74 -14.54
CA MET A 350 6.85 9.51 -14.00
C MET A 350 6.54 10.74 -14.87
N MET A 351 7.48 11.22 -15.65
CA MET A 351 7.23 12.36 -16.53
C MET A 351 6.41 11.99 -17.75
N ASP A 352 6.32 10.68 -18.07
CA ASP A 352 5.63 10.22 -19.26
C ASP A 352 4.16 10.57 -19.23
N ALA A 353 3.52 10.67 -18.07
CA ALA A 353 2.13 11.02 -17.99
C ALA A 353 1.86 12.46 -18.42
N GLY A 354 2.87 13.30 -18.53
CA GLY A 354 2.72 14.69 -18.99
C GLY A 354 1.84 15.49 -18.05
N ALA A 355 2.00 15.28 -16.73
CA ALA A 355 1.19 15.96 -15.75
C ALA A 355 1.99 16.37 -14.53
N LYS A 356 1.62 17.55 -14.04
CA LYS A 356 2.15 18.06 -12.78
C LYS A 356 1.00 17.98 -11.77
N LEU A 357 1.30 17.50 -10.59
CA LEU A 357 0.32 17.24 -9.53
C LEU A 357 0.45 18.19 -8.38
N THR A 358 -0.69 18.71 -7.95
CA THR A 358 -0.74 19.63 -6.84
C THR A 358 -1.96 19.32 -5.95
N TYR A 359 -2.04 20.03 -4.82
CA TYR A 359 -3.14 19.93 -3.87
C TYR A 359 -3.96 21.21 -3.86
N ILE A 360 -3.55 22.19 -4.69
CA ILE A 360 -4.18 23.49 -4.82
C ILE A 360 -4.53 23.65 -6.31
N ASN A 361 -5.75 24.14 -6.58
CA ASN A 361 -6.16 24.25 -7.99
C ASN A 361 -5.85 25.65 -8.49
N ALA A 362 -6.20 25.95 -9.74
CA ALA A 362 -5.77 27.16 -10.38
C ALA A 362 -6.38 28.40 -9.74
N SER A 363 -7.51 28.27 -9.09
CA SER A 363 -8.10 29.43 -8.43
C SER A 363 -7.68 29.53 -6.98
N GLY A 364 -6.73 28.70 -6.54
CA GLY A 364 -6.24 28.81 -5.18
C GLY A 364 -6.91 27.94 -4.14
N HIS A 365 -7.82 27.05 -4.54
CA HIS A 365 -8.50 26.18 -3.59
C HIS A 365 -7.67 24.99 -3.21
N TYR A 366 -7.44 24.84 -1.89
CA TYR A 366 -6.80 23.64 -1.38
C TYR A 366 -7.89 22.57 -1.39
N ILE A 367 -7.52 21.38 -1.80
CA ILE A 367 -8.50 20.29 -1.99
C ILE A 367 -9.22 19.85 -0.75
N GLY A 368 -8.62 19.96 0.44
CA GLY A 368 -9.25 19.49 1.64
C GLY A 368 -8.31 19.76 2.81
N PRO A 369 -8.59 19.14 3.95
CA PRO A 369 -7.77 19.35 5.13
C PRO A 369 -6.34 18.85 4.99
N LEU A 370 -5.49 19.34 5.91
CA LEU A 370 -4.10 18.91 5.91
C LEU A 370 -4.00 17.41 6.14
N PHE A 371 -3.16 16.80 5.31
CA PHE A 371 -2.83 15.39 5.43
C PHE A 371 -1.42 15.16 5.95
N GLU A 372 -0.42 15.89 5.47
CA GLU A 372 0.96 15.71 5.89
C GLU A 372 1.64 17.06 5.73
N LYS A 373 2.15 17.58 6.82
CA LYS A 373 2.95 18.81 6.78
C LYS A 373 4.36 18.45 6.31
N ASP A 374 4.94 19.25 5.44
CA ASP A 374 6.33 19.11 5.02
C ASP A 374 7.04 20.30 5.66
N LYS A 375 7.82 20.10 6.72
CA LYS A 375 8.50 21.20 7.40
C LYS A 375 9.61 21.88 6.62
N ALA A 376 10.27 21.19 5.72
CA ALA A 376 11.32 21.86 4.94
C ALA A 376 10.69 22.81 3.92
N ASP A 377 9.54 22.30 3.46
CA ASP A 377 8.87 23.04 2.37
C ASP A 377 7.36 22.98 2.52
N SER A 378 6.69 24.01 3.04
CA SER A 378 5.27 24.08 3.27
C SER A 378 4.46 24.14 2.00
N THR A 379 5.06 24.60 0.89
CA THR A 379 4.28 24.55 -0.36
C THR A 379 4.15 23.10 -0.82
N ASP A 380 4.87 22.14 -0.22
CA ASP A 380 4.78 20.73 -0.56
C ASP A 380 3.88 19.98 0.43
N ASN A 381 3.14 20.70 1.28
CA ASN A 381 2.24 19.95 2.18
C ASN A 381 1.24 19.13 1.37
N ILE A 382 0.81 17.99 1.92
CA ILE A 382 -0.20 17.15 1.30
C ILE A 382 -1.54 17.43 2.01
N TYR A 383 -2.63 17.47 1.26
CA TYR A 383 -3.98 17.69 1.73
C TYR A 383 -4.86 16.50 1.27
N TYR A 384 -5.86 16.15 2.07
CA TYR A 384 -6.70 15.00 1.77
C TYR A 384 -8.06 15.48 1.24
N TYR A 385 -8.88 14.50 0.82
CA TYR A 385 -10.09 14.73 0.06
C TYR A 385 -11.01 13.53 0.21
N PRO A 386 -11.86 13.58 1.26
CA PRO A 386 -12.68 12.42 1.59
C PRO A 386 -13.49 11.85 0.47
N LYS A 387 -14.05 12.70 -0.37
CA LYS A 387 -14.82 12.25 -1.52
C LYS A 387 -13.98 11.43 -2.48
N GLY A 388 -12.66 11.51 -2.45
CA GLY A 388 -11.85 10.75 -3.38
C GLY A 388 -12.05 9.25 -3.19
N ILE A 389 -12.38 8.79 -1.97
CA ILE A 389 -12.58 7.32 -1.83
C ILE A 389 -13.83 6.94 -2.58
N TYR A 390 -14.86 7.81 -2.57
CA TYR A 390 -16.07 7.53 -3.33
C TYR A 390 -15.76 7.51 -4.83
N SER A 391 -15.06 8.53 -5.29
CA SER A 391 -14.71 8.59 -6.71
C SER A 391 -13.91 7.40 -7.17
N VAL A 392 -12.91 6.98 -6.38
CA VAL A 392 -12.07 5.84 -6.75
C VAL A 392 -12.91 4.57 -6.83
N MET A 393 -13.71 4.30 -5.79
CA MET A 393 -14.47 3.04 -5.83
C MET A 393 -15.44 3.05 -7.02
N ASP A 394 -16.17 4.11 -7.25
CA ASP A 394 -17.05 4.23 -8.39
C ASP A 394 -16.31 3.97 -9.68
N TYR A 395 -15.14 4.61 -9.86
CA TYR A 395 -14.33 4.40 -11.05
C TYR A 395 -13.96 2.94 -11.22
N PHE A 396 -13.48 2.28 -10.18
CA PHE A 396 -13.11 0.88 -10.32
C PHE A 396 -14.30 0.03 -10.72
N LYS A 397 -15.50 0.28 -10.13
CA LYS A 397 -16.65 -0.50 -10.54
C LYS A 397 -16.99 -0.26 -12.02
N ASN A 398 -16.92 0.98 -12.48
CA ASN A 398 -17.34 1.32 -13.83
C ASN A 398 -16.34 1.02 -14.92
N LYS A 399 -15.05 1.21 -14.58
CA LYS A 399 -14.02 1.07 -15.60
C LYS A 399 -13.42 -0.33 -15.61
N TYR A 400 -13.45 -0.97 -14.40
CA TYR A 400 -12.72 -2.19 -14.20
C TYR A 400 -13.57 -3.39 -13.79
N TYR A 401 -14.74 -3.43 -14.42
CA TYR A 401 -15.56 -4.65 -14.41
C TYR A 401 -16.06 -5.09 -13.04
N ASN A 402 -16.51 -4.11 -12.25
CA ASN A 402 -17.19 -4.41 -11.01
C ASN A 402 -16.47 -5.45 -10.16
N PRO A 403 -15.26 -5.11 -9.69
CA PRO A 403 -14.52 -6.05 -8.90
C PRO A 403 -15.00 -6.13 -7.47
N LEU A 404 -14.61 -7.24 -6.83
CA LEU A 404 -14.71 -7.36 -5.37
C LEU A 404 -13.50 -6.60 -4.80
N ILE A 405 -13.78 -5.73 -3.85
CA ILE A 405 -12.76 -4.87 -3.27
C ILE A 405 -12.71 -5.00 -1.76
N TYR A 406 -11.51 -4.94 -1.23
CA TYR A 406 -11.27 -4.70 0.19
C TYR A 406 -10.34 -3.46 0.27
N VAL A 407 -10.75 -2.51 1.13
CA VAL A 407 -9.86 -1.32 1.32
C VAL A 407 -8.79 -1.81 2.29
N THR A 408 -7.58 -1.95 1.76
CA THR A 408 -6.49 -2.57 2.49
C THR A 408 -5.55 -1.61 3.20
N GLU A 409 -5.75 -0.31 3.05
CA GLU A 409 -5.04 0.69 3.80
C GLU A 409 -5.78 2.04 3.63
N ASN A 410 -5.86 2.79 4.70
CA ASN A 410 -6.45 4.14 4.68
C ASN A 410 -6.05 4.71 6.05
N GLY A 411 -5.43 5.88 6.15
CA GLY A 411 -5.04 6.41 7.47
C GLY A 411 -4.27 7.72 7.23
N ILE A 412 -3.81 8.27 8.35
CA ILE A 412 -3.14 9.57 8.35
C ILE A 412 -2.08 9.64 9.43
N SER A 413 -1.04 10.41 9.16
CA SER A 413 0.00 10.51 10.20
C SER A 413 -0.22 11.74 11.08
N THR A 414 0.46 11.66 12.22
CA THR A 414 0.63 12.81 13.11
C THR A 414 2.12 12.97 13.32
N PRO A 415 2.61 14.16 13.67
CA PRO A 415 4.05 14.35 13.81
C PRO A 415 4.71 13.60 14.95
N GLY A 416 5.90 13.08 14.70
CA GLY A 416 6.66 12.43 15.76
C GLY A 416 7.14 13.45 16.80
N ASP A 417 7.18 14.76 16.54
CA ASP A 417 7.60 15.74 17.54
C ASP A 417 6.55 15.91 18.65
N GLU A 418 5.28 15.49 18.40
CA GLU A 418 4.26 15.69 19.44
C GLU A 418 4.66 14.87 20.67
N ASN A 419 4.27 15.25 21.87
CA ASN A 419 4.60 14.47 23.06
C ASN A 419 3.53 13.39 23.14
N ARG A 420 3.68 12.52 24.14
CA ARG A 420 2.72 11.45 24.30
C ARG A 420 1.26 11.86 24.46
N ASN A 421 1.04 12.89 25.30
CA ASN A 421 -0.31 13.35 25.50
C ASN A 421 -0.92 13.86 24.21
N GLN A 422 -0.18 14.67 23.49
CA GLN A 422 -0.66 15.19 22.21
C GLN A 422 -0.87 14.02 21.25
N SER A 423 0.07 13.07 21.23
CA SER A 423 -0.03 11.94 20.31
C SER A 423 -1.26 11.09 20.55
N MET A 424 -1.62 10.88 21.82
CA MET A 424 -2.83 10.12 22.15
C MET A 424 -4.11 10.88 21.80
N LEU A 425 -4.07 12.22 21.84
CA LEU A 425 -5.25 13.02 21.52
C LEU A 425 -5.32 13.29 20.03
N ASP A 426 -5.45 12.20 19.26
CA ASP A 426 -5.33 12.27 17.80
C ASP A 426 -6.65 12.44 17.09
N TYR A 427 -7.30 13.56 17.43
CA TYR A 427 -8.62 13.87 16.84
C TYR A 427 -8.50 14.05 15.34
N THR A 428 -7.34 14.50 14.83
CA THR A 428 -7.23 14.64 13.36
C THR A 428 -7.33 13.27 12.69
N ARG A 429 -6.94 12.20 13.37
CA ARG A 429 -7.04 10.84 12.84
C ARG A 429 -8.45 10.35 12.87
N ILE A 430 -9.22 10.61 13.96
CA ILE A 430 -10.65 10.31 13.93
C ILE A 430 -11.34 10.99 12.74
N ASP A 431 -11.05 12.28 12.55
CA ASP A 431 -11.69 13.04 11.46
C ASP A 431 -11.37 12.40 10.10
N TYR A 432 -10.07 12.09 9.89
CA TYR A 432 -9.71 11.47 8.62
C TYR A 432 -10.42 10.12 8.41
N LEU A 433 -10.34 9.26 9.42
CA LEU A 433 -10.93 7.93 9.25
C LEU A 433 -12.43 7.98 9.08
N CYS A 434 -13.12 8.75 9.94
CA CYS A 434 -14.57 8.83 9.84
C CYS A 434 -15.03 9.44 8.53
N SER A 435 -14.33 10.47 8.05
CA SER A 435 -14.81 11.16 6.84
C SER A 435 -14.70 10.25 5.62
N HIS A 436 -13.67 9.40 5.62
CA HIS A 436 -13.51 8.41 4.54
C HIS A 436 -14.53 7.29 4.68
N LEU A 437 -14.73 6.82 5.93
CA LEU A 437 -15.73 5.77 6.10
C LEU A 437 -17.11 6.28 5.71
N CYS A 438 -17.47 7.52 5.99
CA CYS A 438 -18.77 8.02 5.56
C CYS A 438 -18.86 7.90 4.05
N PHE A 439 -17.86 8.37 3.29
CA PHE A 439 -17.92 8.30 1.85
C PHE A 439 -17.94 6.87 1.33
N LEU A 440 -17.25 5.97 2.04
CA LEU A 440 -17.20 4.58 1.65
C LEU A 440 -18.58 3.95 1.75
N ASN A 441 -19.25 4.19 2.88
CA ASN A 441 -20.62 3.71 3.02
C ASN A 441 -21.50 4.34 1.94
N LYS A 442 -21.32 5.64 1.66
CA LYS A 442 -22.14 6.30 0.65
C LYS A 442 -21.95 5.71 -0.74
N VAL A 443 -20.70 5.35 -1.11
CA VAL A 443 -20.50 4.82 -2.46
C VAL A 443 -21.02 3.38 -2.57
N ILE A 444 -20.90 2.64 -1.46
CA ILE A 444 -21.46 1.28 -1.47
C ILE A 444 -22.99 1.36 -1.68
N LYS A 445 -23.65 2.25 -0.96
CA LYS A 445 -25.09 2.38 -1.10
C LYS A 445 -25.56 2.99 -2.41
N GLU A 446 -24.89 4.01 -2.89
CA GLU A 446 -25.33 4.74 -4.07
C GLU A 446 -24.86 4.14 -5.39
N LYS A 447 -23.66 3.53 -5.35
CA LYS A 447 -23.13 3.03 -6.62
C LYS A 447 -23.08 1.52 -6.63
N ASP A 448 -23.33 0.88 -5.50
CA ASP A 448 -23.33 -0.57 -5.41
C ASP A 448 -21.97 -1.21 -5.70
N VAL A 449 -20.91 -0.50 -5.25
CA VAL A 449 -19.58 -1.00 -5.41
C VAL A 449 -19.46 -2.16 -4.44
N ASN A 450 -18.84 -3.26 -4.90
CA ASN A 450 -18.68 -4.46 -4.12
C ASN A 450 -17.48 -4.40 -3.19
N VAL A 451 -17.59 -3.54 -2.19
CA VAL A 451 -16.57 -3.38 -1.15
C VAL A 451 -17.03 -4.22 0.04
N LYS A 452 -16.16 -5.09 0.57
CA LYS A 452 -16.52 -6.01 1.63
C LYS A 452 -15.67 -5.91 2.89
N GLY A 453 -14.75 -4.93 2.96
CA GLY A 453 -13.98 -4.71 4.19
C GLY A 453 -13.15 -3.44 4.07
N TYR A 454 -12.64 -3.10 5.26
CA TYR A 454 -11.88 -1.88 5.43
C TYR A 454 -10.86 -2.12 6.54
N LEU A 455 -9.59 -1.92 6.22
CA LEU A 455 -8.48 -2.06 7.15
C LEU A 455 -7.70 -0.74 7.22
N ALA A 456 -7.81 -0.11 8.37
CA ALA A 456 -7.18 1.17 8.56
C ALA A 456 -5.67 0.99 8.73
N TRP A 457 -4.91 1.93 8.22
CA TRP A 457 -3.50 1.98 8.40
C TRP A 457 -3.37 2.80 9.70
N ALA A 458 -2.55 2.61 10.69
CA ALA A 458 -1.98 1.36 11.08
C ALA A 458 -2.37 0.84 12.43
N LEU A 459 -2.11 -0.45 12.72
CA LEU A 459 -2.49 -0.99 14.03
C LEU A 459 -1.86 -0.17 15.13
N GLY A 460 -0.58 0.11 14.96
CA GLY A 460 0.19 0.83 15.95
C GLY A 460 1.33 1.57 15.25
N ASP A 461 1.97 2.45 16.04
CA ASP A 461 3.05 3.27 15.57
C ASP A 461 4.11 2.33 15.08
N ASN A 462 4.85 2.65 14.04
CA ASN A 462 5.84 1.70 13.47
C ASN A 462 6.89 2.56 12.73
N TYR A 463 7.82 1.86 12.08
CA TYR A 463 8.80 2.59 11.23
C TYR A 463 7.99 2.92 9.96
N GLU A 464 7.99 4.18 9.55
CA GLU A 464 7.35 4.60 8.30
C GLU A 464 8.39 4.73 7.19
N PHE A 465 8.16 4.00 6.09
CA PHE A 465 9.10 4.06 4.98
C PHE A 465 9.32 5.55 4.65
N ASN A 466 10.58 5.88 4.45
CA ASN A 466 11.06 7.22 4.10
C ASN A 466 11.02 8.22 5.24
N LYS A 467 10.31 8.01 6.33
CA LYS A 467 10.15 8.99 7.38
C LYS A 467 10.67 8.53 8.73
N GLY A 468 11.21 7.33 8.86
CA GLY A 468 11.68 6.87 10.18
C GLY A 468 10.57 6.85 11.18
N PHE A 469 10.85 7.42 12.36
CA PHE A 469 9.90 7.52 13.44
C PHE A 469 9.47 8.96 13.61
N THR A 470 9.66 9.78 12.56
CA THR A 470 9.29 11.20 12.61
C THR A 470 7.82 11.48 12.41
N VAL A 471 7.05 10.46 12.01
CA VAL A 471 5.61 10.54 11.97
C VAL A 471 5.02 9.27 12.61
N ARG A 472 3.79 9.36 13.07
CA ARG A 472 3.10 8.21 13.64
C ARG A 472 1.84 7.97 12.83
N PHE A 473 1.50 6.74 12.53
CA PHE A 473 0.26 6.41 11.87
C PHE A 473 -0.66 5.52 12.70
N GLY A 474 -0.19 5.07 13.88
CA GLY A 474 -0.98 4.08 14.59
C GLY A 474 -2.29 4.56 15.20
N LEU A 475 -3.21 3.60 15.33
CA LEU A 475 -4.43 3.81 16.10
C LEU A 475 -4.12 3.46 17.57
N SER A 476 -3.00 2.83 17.79
CA SER A 476 -2.43 2.57 19.11
C SER A 476 -0.99 3.09 19.14
N TYR A 477 -0.71 3.69 20.31
CA TYR A 477 0.53 4.39 20.61
C TYR A 477 1.62 3.50 21.09
N ILE A 478 2.84 3.69 20.62
CA ILE A 478 3.98 2.91 21.08
C ILE A 478 5.06 3.89 21.54
N ASP A 479 5.59 3.66 22.75
CA ASP A 479 6.68 4.48 23.27
C ASP A 479 7.99 3.90 22.77
N TRP A 480 8.79 4.63 22.02
CA TRP A 480 10.02 4.14 21.43
C TRP A 480 11.08 3.84 22.47
N ASN A 481 10.89 4.31 23.71
CA ASN A 481 11.86 3.97 24.76
C ASN A 481 11.48 2.67 25.45
N ASN A 482 10.27 2.19 25.17
CA ASN A 482 9.84 0.92 25.72
C ASN A 482 8.64 0.38 24.96
N VAL A 483 8.95 -0.34 23.89
CA VAL A 483 7.94 -0.70 22.92
C VAL A 483 6.97 -1.78 23.23
N THR A 484 6.94 -2.31 24.44
CA THR A 484 6.07 -3.46 24.69
C THR A 484 4.60 -3.15 24.51
N ASP A 485 4.12 -2.09 25.18
CA ASP A 485 2.72 -1.75 25.08
C ASP A 485 2.27 -1.05 23.83
N ARG A 486 1.00 -1.33 23.47
CA ARG A 486 0.35 -0.63 22.35
C ARG A 486 -0.87 -0.08 23.07
N ASP A 487 -0.96 1.20 23.26
CA ASP A 487 -2.12 1.77 23.98
C ASP A 487 -3.05 2.43 22.98
N LEU A 488 -4.35 2.07 23.03
CA LEU A 488 -5.26 2.76 22.08
C LEU A 488 -5.27 4.26 22.27
N LYS A 489 -5.14 4.97 21.16
CA LYS A 489 -5.21 6.42 21.19
C LYS A 489 -6.69 6.79 21.17
N LYS A 490 -7.00 8.08 21.16
CA LYS A 490 -8.40 8.48 20.98
C LYS A 490 -8.96 7.83 19.70
N SER A 491 -8.18 7.79 18.62
CA SER A 491 -8.72 7.19 17.41
C SER A 491 -9.04 5.72 17.62
N GLY A 492 -8.12 5.00 18.27
CA GLY A 492 -8.39 3.57 18.55
C GLY A 492 -9.64 3.36 19.39
N GLN A 493 -9.84 4.24 20.37
CA GLN A 493 -11.01 4.21 21.22
C GLN A 493 -12.26 4.53 20.42
N TRP A 494 -12.19 5.52 19.55
CA TRP A 494 -13.29 5.81 18.67
C TRP A 494 -13.60 4.61 17.79
N TYR A 495 -12.54 4.02 17.19
CA TYR A 495 -12.75 2.95 16.25
C TYR A 495 -13.39 1.76 16.94
N GLN A 496 -12.99 1.51 18.19
CA GLN A 496 -13.63 0.48 19.02
C GLN A 496 -15.13 0.72 19.15
N SER A 497 -15.54 1.97 19.40
CA SER A 497 -16.96 2.28 19.53
C SER A 497 -17.64 2.20 18.17
N PHE A 498 -17.00 2.63 17.08
CA PHE A 498 -17.56 2.52 15.73
C PHE A 498 -17.87 1.06 15.42
N ILE A 499 -16.89 0.18 15.76
CA ILE A 499 -17.07 -1.24 15.47
C ILE A 499 -18.17 -1.91 16.31
N SER A 500 -18.22 -1.54 17.58
CA SER A 500 -19.23 -2.09 18.50
C SER A 500 -19.96 -0.96 19.25
N PRO A 501 -20.95 -0.38 18.45
CA PRO A 501 -21.59 0.86 18.96
C PRO A 501 -22.63 0.74 20.06
#